data_9S5X
#
_entry.id   9S5X
#
_cell.length_a   91.260
_cell.length_b   91.260
_cell.length_c   241.060
_cell.angle_alpha   90.000
_cell.angle_beta   90.000
_cell.angle_gamma   120.000
#
_symmetry.space_group_name_H-M   'P 61 2 2'
#
loop_
_entity.id
_entity.type
_entity.pdbx_description
1 polymer 'Enoyl-[acyl-carrier-protein] reductase [NADH]'
2 non-polymer (~{E})-~{N}-methyl-~{N}-[(3-methyl-1-benzofuran-2-yl)methyl]-3-[(2~{R},3~{S})-2-methyl-3-oxidanyl-4-oxidanylidene-1,2,3,5-tetrahydropyrido[2,3-b][1,4]diazepin-8-yl]prop-2-enamide
3 non-polymer NICOTINAMIDE-ADENINE-DINUCLEOTIDE
4 water water
#
_entity_poly.entity_id   1
_entity_poly.type   'polypeptide(L)'
_entity_poly.pdbx_seq_one_letter_code
;MHHHHHHSSGVDLGTENLYFQGFLQGKKILITGMISERSIAYGIAKACREQGAELAFTYVVDKLEERVRKMAAELDSELV
FRCDVASDDEINQVFADLGKHWDGLDGLVHSIGFAPKEALSGDFLDSISREAFNTAHEISAYSLPALAKAARPMMRGRNS
AIVALSYLGAVRAIPNYNVMGMAKASLEAGIRFTAACLGKEGIRCNGISAGPIKTLAASGIADFGKLLGHVAAHNPLRRN
VTIEEVGNTAAFLLSDLSSGITGEITYVDGGYSINALSTEG
;
_entity_poly.pdbx_strand_id   A,B
#
# COMPACT_ATOMS: atom_id res chain seq x y z
N GLY A 22 11.02 12.96 -11.57
CA GLY A 22 10.13 12.23 -10.63
C GLY A 22 10.88 11.41 -9.59
N PHE A 23 10.11 10.61 -8.82
CA PHE A 23 10.71 9.93 -7.67
C PHE A 23 11.40 8.60 -7.99
N LEU A 24 11.54 8.25 -9.29
CA LEU A 24 12.37 7.13 -9.70
C LEU A 24 13.52 7.61 -10.62
N GLN A 25 13.91 8.90 -10.46
CA GLN A 25 14.92 9.46 -11.34
C GLN A 25 16.19 8.63 -11.34
N GLY A 26 16.59 8.18 -12.52
CA GLY A 26 17.81 7.40 -12.70
C GLY A 26 17.73 5.95 -12.24
N LYS A 27 16.65 5.54 -11.55
CA LYS A 27 16.53 4.14 -11.16
C LYS A 27 16.42 3.25 -12.40
N LYS A 28 17.08 2.11 -12.35
CA LYS A 28 17.12 1.16 -13.44
C LYS A 28 16.20 -0.02 -13.10
N ILE A 29 15.17 -0.24 -13.92
CA ILE A 29 14.10 -1.20 -13.61
C ILE A 29 13.92 -2.18 -14.77
N LEU A 30 13.89 -3.48 -14.47
CA LEU A 30 13.58 -4.54 -15.42
C LEU A 30 12.13 -4.99 -15.26
N ILE A 31 11.40 -4.96 -16.38
CA ILE A 31 9.96 -5.27 -16.42
C ILE A 31 9.68 -6.48 -17.25
N THR A 32 9.02 -7.48 -16.66
CA THR A 32 8.55 -8.67 -17.34
C THR A 32 7.08 -8.47 -17.73
N GLY A 33 6.64 -9.25 -18.72
CA GLY A 33 5.21 -9.38 -18.97
C GLY A 33 4.54 -8.34 -19.84
N MET A 34 5.27 -7.39 -20.43
CA MET A 34 4.67 -6.35 -21.25
C MET A 34 4.50 -6.90 -22.67
N ILE A 35 3.27 -7.28 -23.05
CA ILE A 35 3.03 -7.78 -24.41
C ILE A 35 2.11 -6.93 -25.26
N SER A 36 1.38 -5.97 -24.72
CA SER A 36 0.54 -5.06 -25.46
C SER A 36 0.35 -3.80 -24.62
N GLU A 37 -0.25 -2.75 -25.19
CA GLU A 37 -0.54 -1.56 -24.43
C GLU A 37 -1.70 -1.76 -23.43
N ARG A 38 -2.31 -2.93 -23.45
CA ARG A 38 -3.33 -3.27 -22.47
C ARG A 38 -2.73 -3.98 -21.23
N SER A 39 -1.47 -4.43 -21.34
CA SER A 39 -0.87 -5.22 -20.27
C SER A 39 -0.74 -4.38 -18.99
N ILE A 40 -0.90 -5.06 -17.85
CA ILE A 40 -0.54 -4.41 -16.60
C ILE A 40 0.90 -3.90 -16.64
N ALA A 41 1.81 -4.71 -17.18
CA ALA A 41 3.20 -4.32 -17.21
C ALA A 41 3.45 -3.07 -18.05
N TYR A 42 2.57 -2.81 -19.04
CA TYR A 42 2.67 -1.56 -19.79
C TYR A 42 2.28 -0.37 -18.92
N GLY A 43 1.21 -0.53 -18.13
CA GLY A 43 0.85 0.51 -17.18
C GLY A 43 1.98 0.82 -16.19
N ILE A 44 2.65 -0.24 -15.70
CA ILE A 44 3.76 -0.07 -14.78
C ILE A 44 4.91 0.63 -15.48
N ALA A 45 5.24 0.21 -16.72
CA ALA A 45 6.34 0.82 -17.46
C ALA A 45 6.11 2.32 -17.67
N LYS A 46 4.92 2.68 -18.12
CA LYS A 46 4.60 4.06 -18.39
C LYS A 46 4.64 4.89 -17.12
N ALA A 47 4.09 4.33 -16.02
CA ALA A 47 4.20 5.02 -14.74
C ALA A 47 5.62 5.22 -14.27
N CYS A 48 6.49 4.21 -14.39
CA CYS A 48 7.87 4.32 -13.97
C CYS A 48 8.63 5.30 -14.85
N ARG A 49 8.40 5.29 -16.17
CA ARG A 49 9.09 6.24 -17.02
C ARG A 49 8.68 7.67 -16.69
N GLU A 50 7.39 7.88 -16.40
CA GLU A 50 6.92 9.18 -16.02
C GLU A 50 7.60 9.70 -14.75
N GLN A 51 8.11 8.83 -13.88
CA GLN A 51 8.82 9.24 -12.69
C GLN A 51 10.34 9.21 -12.85
N GLY A 52 10.82 9.03 -14.09
CA GLY A 52 12.23 9.22 -14.35
C GLY A 52 13.07 7.96 -14.50
N ALA A 53 12.46 6.77 -14.38
CA ALA A 53 13.21 5.54 -14.45
C ALA A 53 13.71 5.26 -15.86
N GLU A 54 14.81 4.53 -15.91
CA GLU A 54 15.35 3.88 -17.09
C GLU A 54 14.89 2.41 -17.10
N LEU A 55 14.38 1.93 -18.24
CA LEU A 55 13.70 0.64 -18.29
C LEU A 55 14.40 -0.38 -19.17
N ALA A 56 14.17 -1.64 -18.86
CA ALA A 56 14.55 -2.77 -19.66
C ALA A 56 13.41 -3.77 -19.60
N PHE A 57 13.30 -4.65 -20.59
CA PHE A 57 12.13 -5.51 -20.73
C PHE A 57 12.51 -6.94 -21.10
N THR A 58 11.63 -7.89 -20.77
CA THR A 58 11.73 -9.24 -21.28
C THR A 58 10.51 -9.57 -22.13
N TYR A 59 10.64 -10.60 -22.97
CA TYR A 59 9.55 -11.19 -23.74
C TYR A 59 9.67 -12.71 -23.76
N VAL A 60 8.54 -13.43 -23.79
CA VAL A 60 8.56 -14.86 -23.53
C VAL A 60 9.14 -15.66 -24.69
N VAL A 61 8.79 -15.32 -25.95
CA VAL A 61 9.19 -16.14 -27.09
C VAL A 61 9.58 -15.22 -28.24
N ASP A 62 10.38 -15.79 -29.17
CA ASP A 62 10.88 -15.09 -30.33
C ASP A 62 9.80 -14.40 -31.15
N LYS A 63 8.62 -14.99 -31.25
CA LYS A 63 7.51 -14.41 -32.00
C LYS A 63 7.17 -12.99 -31.53
N LEU A 64 7.46 -12.65 -30.25
CA LEU A 64 7.05 -11.37 -29.68
C LEU A 64 8.16 -10.32 -29.69
N GLU A 65 9.36 -10.70 -30.09
CA GLU A 65 10.52 -9.84 -29.94
C GLU A 65 10.25 -8.46 -30.54
N GLU A 66 9.77 -8.40 -31.80
CA GLU A 66 9.64 -7.11 -32.46
C GLU A 66 8.58 -6.21 -31.82
N ARG A 67 7.46 -6.79 -31.44
CA ARG A 67 6.41 -6.00 -30.77
C ARG A 67 6.98 -5.37 -29.49
N VAL A 68 7.73 -6.16 -28.72
CA VAL A 68 8.18 -5.67 -27.43
C VAL A 68 9.30 -4.66 -27.61
N ARG A 69 10.18 -4.90 -28.59
CA ARG A 69 11.21 -3.92 -28.90
C ARG A 69 10.63 -2.59 -29.34
N LYS A 70 9.53 -2.62 -30.09
CA LYS A 70 8.89 -1.41 -30.56
C LYS A 70 8.23 -0.69 -29.38
N MET A 71 7.56 -1.44 -28.50
CA MET A 71 7.01 -0.79 -27.31
C MET A 71 8.11 -0.18 -26.45
N ALA A 72 9.18 -0.96 -26.21
CA ALA A 72 10.30 -0.49 -25.42
C ALA A 72 10.88 0.82 -25.97
N ALA A 73 11.01 0.90 -27.33
CA ALA A 73 11.62 2.06 -27.95
C ALA A 73 10.77 3.30 -27.66
N GLU A 74 9.46 3.12 -27.63
CA GLU A 74 8.55 4.22 -27.31
C GLU A 74 8.67 4.63 -25.84
N LEU A 75 9.19 3.72 -25.00
CA LEU A 75 9.53 4.04 -23.61
C LEU A 75 11.00 4.32 -23.36
N ASP A 76 11.73 4.67 -24.45
CA ASP A 76 13.10 5.15 -24.42
C ASP A 76 14.08 4.05 -24.03
N SER A 77 13.78 2.80 -24.39
CA SER A 77 14.63 1.70 -24.04
C SER A 77 14.95 0.89 -25.29
N GLU A 78 16.19 0.44 -25.37
CA GLU A 78 16.58 -0.56 -26.34
C GLU A 78 17.22 -1.74 -25.63
N LEU A 79 16.81 -1.99 -24.36
CA LEU A 79 17.23 -3.15 -23.61
C LEU A 79 16.06 -4.13 -23.49
N VAL A 80 16.08 -5.16 -24.33
CA VAL A 80 15.01 -6.14 -24.41
C VAL A 80 15.60 -7.54 -24.54
N PHE A 81 15.11 -8.48 -23.74
CA PHE A 81 15.72 -9.79 -23.60
C PHE A 81 14.67 -10.86 -23.62
N ARG A 82 14.94 -12.00 -24.27
CA ARG A 82 14.10 -13.17 -24.27
C ARG A 82 14.12 -13.81 -22.89
N CYS A 83 12.95 -14.20 -22.38
CA CYS A 83 12.92 -14.93 -21.12
C CYS A 83 11.60 -15.67 -20.99
N ASP A 84 11.67 -16.97 -21.18
CA ASP A 84 10.60 -17.89 -20.84
C ASP A 84 10.95 -18.42 -19.45
N VAL A 85 10.11 -18.13 -18.45
CA VAL A 85 10.42 -18.49 -17.07
C VAL A 85 10.26 -19.99 -16.80
N ALA A 86 9.95 -20.79 -17.81
CA ALA A 86 10.07 -22.23 -17.73
C ALA A 86 11.56 -22.64 -17.75
N SER A 87 12.44 -21.74 -18.18
CA SER A 87 13.85 -22.07 -18.42
C SER A 87 14.78 -21.31 -17.46
N ASP A 88 15.48 -22.06 -16.60
CA ASP A 88 16.49 -21.48 -15.74
C ASP A 88 17.67 -20.93 -16.54
N ASP A 89 17.97 -21.55 -17.69
CA ASP A 89 19.00 -21.00 -18.56
C ASP A 89 18.64 -19.59 -19.01
N GLU A 90 17.40 -19.40 -19.51
CA GLU A 90 17.01 -18.12 -20.03
C GLU A 90 16.90 -17.06 -18.93
N ILE A 91 16.37 -17.45 -17.76
CA ILE A 91 16.24 -16.53 -16.64
C ILE A 91 17.61 -15.94 -16.27
N ASN A 92 18.59 -16.84 -16.09
CA ASN A 92 19.93 -16.36 -15.71
C ASN A 92 20.66 -15.68 -16.84
N GLN A 93 20.36 -16.02 -18.08
CA GLN A 93 20.96 -15.34 -19.21
C GLN A 93 20.53 -13.88 -19.31
N VAL A 94 19.27 -13.59 -18.93
CA VAL A 94 18.84 -12.21 -18.93
C VAL A 94 19.79 -11.28 -18.16
N PHE A 95 20.12 -11.69 -16.91
CA PHE A 95 20.90 -10.84 -16.04
C PHE A 95 22.37 -10.78 -16.52
N ALA A 96 22.88 -11.88 -17.05
CA ALA A 96 24.21 -11.85 -17.70
C ALA A 96 24.24 -10.80 -18.81
N ASP A 97 23.23 -10.83 -19.70
CA ASP A 97 23.18 -9.88 -20.79
C ASP A 97 22.92 -8.46 -20.31
N LEU A 98 21.99 -8.26 -19.35
CA LEU A 98 21.68 -6.93 -18.87
C LEU A 98 22.90 -6.32 -18.19
N GLY A 99 23.65 -7.15 -17.47
CA GLY A 99 24.83 -6.74 -16.72
C GLY A 99 25.95 -6.16 -17.59
N LYS A 100 25.91 -6.44 -18.90
CA LYS A 100 26.82 -5.79 -19.85
C LYS A 100 26.49 -4.32 -20.07
N HIS A 101 25.27 -3.89 -19.72
CA HIS A 101 24.82 -2.53 -19.91
C HIS A 101 24.69 -1.78 -18.60
N TRP A 102 24.17 -2.47 -17.57
CA TRP A 102 23.91 -1.88 -16.28
C TRP A 102 24.80 -2.49 -15.20
N ASP A 103 25.36 -1.64 -14.33
CA ASP A 103 26.26 -2.07 -13.25
C ASP A 103 25.52 -2.69 -12.05
N GLY A 104 24.21 -2.52 -12.04
CA GLY A 104 23.35 -2.96 -10.95
C GLY A 104 21.90 -2.75 -11.40
N LEU A 105 20.96 -3.26 -10.61
CA LEU A 105 19.53 -3.17 -10.90
C LEU A 105 18.80 -2.66 -9.68
N ASP A 106 17.96 -1.65 -9.86
CA ASP A 106 17.22 -0.99 -8.79
C ASP A 106 15.81 -1.57 -8.64
N GLY A 107 15.23 -2.11 -9.72
CA GLY A 107 13.85 -2.57 -9.64
C GLY A 107 13.61 -3.77 -10.54
N LEU A 108 12.67 -4.64 -10.10
CA LEU A 108 12.32 -5.84 -10.82
C LEU A 108 10.81 -6.01 -10.73
N VAL A 109 10.14 -6.08 -11.87
CA VAL A 109 8.68 -6.25 -11.94
C VAL A 109 8.34 -7.59 -12.51
N HIS A 110 7.61 -8.35 -11.72
CA HIS A 110 7.06 -9.64 -12.09
C HIS A 110 5.60 -9.46 -12.46
N SER A 111 5.28 -9.67 -13.75
CA SER A 111 3.92 -9.47 -14.26
C SER A 111 3.59 -10.64 -15.19
N ILE A 112 3.70 -11.86 -14.68
CA ILE A 112 3.67 -13.09 -15.46
C ILE A 112 2.72 -14.03 -14.75
N GLY A 113 1.73 -14.59 -15.48
CA GLY A 113 0.78 -15.52 -14.93
C GLY A 113 0.30 -16.40 -16.09
N PHE A 114 0.17 -17.67 -15.82
CA PHE A 114 -0.22 -18.61 -16.86
C PHE A 114 -0.72 -19.91 -16.24
N ALA A 115 -1.88 -20.41 -16.76
CA ALA A 115 -2.33 -21.78 -16.57
C ALA A 115 -2.96 -22.25 -17.88
N PRO A 116 -2.94 -23.56 -18.18
CA PRO A 116 -3.66 -24.04 -19.36
C PRO A 116 -5.11 -23.58 -19.32
N LYS A 117 -5.61 -23.09 -20.45
CA LYS A 117 -6.92 -22.45 -20.59
C LYS A 117 -8.03 -23.35 -20.06
N GLU A 118 -7.93 -24.64 -20.30
CA GLU A 118 -9.02 -25.59 -19.93
C GLU A 118 -9.13 -25.75 -18.39
N ALA A 119 -8.06 -25.43 -17.66
CA ALA A 119 -8.13 -25.52 -16.23
C ALA A 119 -8.85 -24.30 -15.66
N LEU A 120 -9.17 -23.29 -16.47
CA LEU A 120 -9.72 -22.01 -16.01
C LEU A 120 -11.19 -21.82 -16.37
N SER A 121 -11.86 -22.94 -16.56
CA SER A 121 -13.26 -22.97 -16.97
C SER A 121 -13.93 -24.13 -16.26
N GLY A 122 -15.04 -23.85 -15.61
CA GLY A 122 -15.90 -24.89 -15.12
C GLY A 122 -15.54 -25.36 -13.71
N ASP A 123 -16.04 -26.52 -13.34
CA ASP A 123 -15.87 -27.12 -12.05
C ASP A 123 -14.38 -27.24 -11.71
N PHE A 124 -13.97 -26.75 -10.52
CA PHE A 124 -12.57 -26.74 -10.13
C PHE A 124 -11.92 -28.11 -10.22
N LEU A 125 -12.55 -29.15 -9.69
CA LEU A 125 -11.93 -30.47 -9.64
C LEU A 125 -11.99 -31.13 -11.02
N ASP A 126 -13.10 -30.99 -11.74
CA ASP A 126 -13.15 -31.61 -13.09
C ASP A 126 -12.11 -30.98 -14.02
N SER A 127 -11.82 -29.69 -13.85
CA SER A 127 -10.97 -28.96 -14.76
C SER A 127 -9.50 -29.10 -14.37
N ILE A 128 -9.18 -29.42 -13.13
CA ILE A 128 -7.79 -29.50 -12.71
C ILE A 128 -7.19 -30.81 -13.25
N SER A 129 -5.87 -30.80 -13.40
CA SER A 129 -5.07 -31.97 -13.65
C SER A 129 -3.72 -31.76 -12.98
N ARG A 130 -2.96 -32.84 -12.83
CA ARG A 130 -1.60 -32.71 -12.32
C ARG A 130 -0.73 -31.82 -13.21
N GLU A 131 -0.80 -32.01 -14.52
CA GLU A 131 0.05 -31.23 -15.43
C GLU A 131 -0.33 -29.74 -15.36
N ALA A 132 -1.62 -29.46 -15.32
CA ALA A 132 -2.06 -28.07 -15.28
C ALA A 132 -1.64 -27.41 -13.94
N PHE A 133 -1.79 -28.14 -12.86
CA PHE A 133 -1.32 -27.65 -11.56
C PHE A 133 0.19 -27.34 -11.63
N ASN A 134 0.97 -28.26 -12.16
CA ASN A 134 2.43 -28.10 -12.17
C ASN A 134 2.82 -26.92 -13.02
N THR A 135 2.23 -26.76 -14.21
CA THR A 135 2.52 -25.67 -15.09
C THR A 135 2.12 -24.34 -14.43
N ALA A 136 0.88 -24.27 -13.89
CA ALA A 136 0.43 -23.00 -13.33
C ALA A 136 1.38 -22.54 -12.22
N HIS A 137 1.77 -23.45 -11.35
CA HIS A 137 2.63 -23.10 -10.22
C HIS A 137 4.07 -22.74 -10.65
N GLU A 138 4.60 -23.45 -11.62
CA GLU A 138 5.97 -23.15 -12.09
C GLU A 138 5.99 -21.75 -12.73
N ILE A 139 5.04 -21.47 -13.61
CA ILE A 139 5.08 -20.23 -14.36
C ILE A 139 4.63 -19.04 -13.54
N SER A 140 3.60 -19.27 -12.66
CA SER A 140 2.93 -18.17 -12.01
C SER A 140 3.50 -17.87 -10.61
N ALA A 141 4.13 -18.87 -9.96
CA ALA A 141 4.57 -18.73 -8.57
C ALA A 141 6.09 -18.93 -8.46
N TYR A 142 6.62 -20.03 -8.95
CA TYR A 142 8.09 -20.28 -8.82
C TYR A 142 8.88 -19.16 -9.50
N SER A 143 8.33 -18.60 -10.56
CA SER A 143 9.01 -17.57 -11.32
C SER A 143 9.35 -16.34 -10.48
N LEU A 144 8.66 -16.05 -9.38
CA LEU A 144 9.01 -14.92 -8.52
C LEU A 144 10.32 -15.22 -7.77
N PRO A 145 10.44 -16.25 -6.93
CA PRO A 145 11.75 -16.53 -6.31
C PRO A 145 12.80 -16.75 -7.39
N ALA A 146 12.48 -17.40 -8.50
CA ALA A 146 13.48 -17.69 -9.51
C ALA A 146 14.06 -16.37 -10.02
N LEU A 147 13.25 -15.39 -10.38
CA LEU A 147 13.73 -14.12 -10.88
C LEU A 147 14.46 -13.36 -9.78
N ALA A 148 13.96 -13.37 -8.56
CA ALA A 148 14.63 -12.69 -7.46
C ALA A 148 16.00 -13.27 -7.25
N LYS A 149 16.12 -14.60 -7.25
CA LYS A 149 17.40 -15.27 -7.05
C LYS A 149 18.34 -14.87 -8.19
N ALA A 150 17.89 -14.88 -9.44
CA ALA A 150 18.78 -14.61 -10.56
C ALA A 150 19.23 -13.16 -10.54
N ALA A 151 18.42 -12.21 -10.03
CA ALA A 151 18.70 -10.79 -9.99
C ALA A 151 19.52 -10.39 -8.75
N ARG A 152 19.61 -11.28 -7.78
CA ARG A 152 20.19 -10.92 -6.46
C ARG A 152 21.57 -10.25 -6.59
N PRO A 153 22.53 -10.82 -7.34
CA PRO A 153 23.85 -10.15 -7.41
C PRO A 153 23.76 -8.70 -7.88
N MET A 154 22.89 -8.43 -8.87
CA MET A 154 22.74 -7.07 -9.37
C MET A 154 21.97 -6.14 -8.45
N MET A 155 21.04 -6.68 -7.64
CA MET A 155 20.17 -5.84 -6.84
C MET A 155 20.68 -5.55 -5.41
N ARG A 156 21.56 -6.42 -4.92
N ARG A 156 21.48 -6.45 -4.85
CA ARG A 156 22.14 -6.34 -3.58
CA ARG A 156 21.82 -6.38 -3.43
C ARG A 156 22.65 -4.94 -3.24
C ARG A 156 22.69 -5.16 -3.13
N GLY A 157 22.37 -4.48 -2.01
CA GLY A 157 23.13 -3.33 -1.49
C GLY A 157 22.74 -2.00 -2.12
N ARG A 158 21.63 -1.96 -2.87
CA ARG A 158 21.20 -0.77 -3.59
C ARG A 158 19.93 -0.12 -3.06
N ASN A 159 19.33 -0.64 -1.99
CA ASN A 159 18.00 -0.18 -1.58
C ASN A 159 17.02 -0.25 -2.78
N SER A 160 17.01 -1.48 -3.31
CA SER A 160 16.28 -1.86 -4.51
C SER A 160 14.99 -2.59 -4.14
N ALA A 161 14.17 -2.94 -5.14
CA ALA A 161 12.82 -3.39 -4.85
C ALA A 161 12.30 -4.28 -5.97
N ILE A 162 11.43 -5.24 -5.57
CA ILE A 162 10.74 -6.18 -6.43
C ILE A 162 9.24 -5.95 -6.24
N VAL A 163 8.49 -5.99 -7.34
CA VAL A 163 7.02 -5.93 -7.26
C VAL A 163 6.47 -7.05 -8.12
N ALA A 164 5.47 -7.79 -7.61
CA ALA A 164 4.80 -8.86 -8.36
C ALA A 164 3.28 -8.65 -8.30
N LEU A 165 2.57 -9.07 -9.37
CA LEU A 165 1.11 -8.99 -9.49
C LEU A 165 0.44 -10.30 -9.06
N SER A 166 -0.52 -10.13 -8.13
CA SER A 166 -1.36 -11.20 -7.64
C SER A 166 -2.83 -10.86 -7.90
N TYR A 167 -3.67 -11.78 -7.45
CA TYR A 167 -5.13 -11.62 -7.59
C TYR A 167 -5.83 -12.26 -6.41
N LEU A 168 -7.02 -11.77 -6.09
CA LEU A 168 -7.84 -12.19 -4.97
C LEU A 168 -8.07 -13.68 -4.83
N GLY A 169 -8.00 -14.44 -5.92
CA GLY A 169 -8.05 -15.89 -5.82
C GLY A 169 -7.03 -16.53 -4.85
N ALA A 170 -5.94 -15.81 -4.55
CA ALA A 170 -5.03 -16.32 -3.53
C ALA A 170 -5.74 -16.61 -2.20
N VAL A 171 -6.69 -15.72 -1.81
CA VAL A 171 -7.24 -15.70 -0.48
C VAL A 171 -8.77 -15.90 -0.44
N ARG A 172 -9.38 -15.99 -1.62
N ARG A 172 -9.38 -15.99 -1.62
CA ARG A 172 -10.84 -16.25 -1.72
CA ARG A 172 -10.84 -16.25 -1.72
C ARG A 172 -11.11 -17.24 -2.86
C ARG A 172 -11.11 -17.24 -2.85
N ALA A 173 -12.07 -18.14 -2.66
CA ALA A 173 -12.48 -19.00 -3.76
C ALA A 173 -13.30 -18.19 -4.75
N ILE A 174 -13.06 -18.39 -6.05
CA ILE A 174 -13.61 -17.59 -7.13
C ILE A 174 -14.00 -18.58 -8.22
N PRO A 175 -15.22 -18.50 -8.78
CA PRO A 175 -15.56 -19.40 -9.87
C PRO A 175 -14.58 -19.28 -11.04
N ASN A 176 -14.28 -20.44 -11.62
CA ASN A 176 -13.53 -20.58 -12.86
C ASN A 176 -12.02 -20.28 -12.66
N TYR A 177 -11.64 -19.42 -11.75
CA TYR A 177 -10.20 -19.10 -11.58
C TYR A 177 -9.43 -20.33 -11.14
N ASN A 178 -10.05 -21.22 -10.37
CA ASN A 178 -9.63 -22.58 -10.19
C ASN A 178 -8.14 -22.65 -9.78
N VAL A 179 -7.33 -23.43 -10.51
CA VAL A 179 -5.95 -23.70 -10.07
C VAL A 179 -5.12 -22.42 -10.01
N MET A 180 -5.47 -21.36 -10.74
CA MET A 180 -4.74 -20.11 -10.64
C MET A 180 -4.84 -19.55 -9.22
N GLY A 181 -5.90 -19.80 -8.47
CA GLY A 181 -5.97 -19.31 -7.10
C GLY A 181 -4.89 -19.96 -6.23
N MET A 182 -4.72 -21.27 -6.35
CA MET A 182 -3.66 -21.99 -5.65
C MET A 182 -2.30 -21.40 -6.04
N ALA A 183 -2.12 -21.10 -7.34
CA ALA A 183 -0.82 -20.55 -7.78
C ALA A 183 -0.60 -19.15 -7.23
N LYS A 184 -1.64 -18.30 -7.18
CA LYS A 184 -1.48 -16.96 -6.62
C LYS A 184 -1.23 -17.03 -5.11
N ALA A 185 -1.81 -18.00 -4.38
CA ALA A 185 -1.53 -18.16 -2.95
C ALA A 185 -0.02 -18.46 -2.79
N SER A 186 0.46 -19.41 -3.57
CA SER A 186 1.90 -19.74 -3.55
C SER A 186 2.75 -18.50 -3.81
N LEU A 187 2.36 -17.73 -4.80
CA LEU A 187 3.05 -16.50 -5.15
C LEU A 187 3.10 -15.56 -3.96
N GLU A 188 1.97 -15.30 -3.29
CA GLU A 188 1.95 -14.34 -2.19
C GLU A 188 2.85 -14.85 -1.06
N ALA A 189 2.84 -16.13 -0.76
CA ALA A 189 3.77 -16.67 0.25
C ALA A 189 5.21 -16.41 -0.24
N GLY A 190 5.43 -16.62 -1.54
CA GLY A 190 6.74 -16.35 -2.12
C GLY A 190 7.19 -14.91 -1.92
N ILE A 191 6.28 -13.96 -2.03
CA ILE A 191 6.58 -12.56 -1.76
C ILE A 191 7.03 -12.39 -0.32
N ARG A 192 6.31 -12.96 0.63
CA ARG A 192 6.71 -12.85 2.06
C ARG A 192 8.08 -13.50 2.30
N PHE A 193 8.28 -14.72 1.80
CA PHE A 193 9.54 -15.43 2.02
C PHE A 193 10.69 -14.68 1.34
N THR A 194 10.46 -14.12 0.15
CA THR A 194 11.54 -13.37 -0.54
C THR A 194 11.87 -12.12 0.26
N ALA A 195 10.87 -11.38 0.73
CA ALA A 195 11.06 -10.18 1.55
C ALA A 195 11.87 -10.51 2.80
N ALA A 196 11.52 -11.60 3.48
CA ALA A 196 12.21 -11.98 4.72
C ALA A 196 13.65 -12.36 4.39
N CYS A 197 13.91 -12.97 3.26
CA CYS A 197 15.23 -13.45 2.82
C CYS A 197 16.13 -12.25 2.48
N LEU A 198 15.61 -11.29 1.73
CA LEU A 198 16.43 -10.27 1.08
C LEU A 198 16.49 -8.98 1.86
N GLY A 199 15.71 -8.78 2.91
CA GLY A 199 15.64 -7.50 3.56
C GLY A 199 16.97 -7.01 4.13
N LYS A 200 17.74 -7.93 4.68
CA LYS A 200 19.00 -7.50 5.33
C LYS A 200 19.93 -6.91 4.27
N GLU A 201 19.90 -7.42 3.05
CA GLU A 201 20.72 -6.94 1.94
C GLU A 201 20.14 -5.73 1.20
N GLY A 202 19.04 -5.15 1.69
CA GLY A 202 18.47 -3.92 1.16
C GLY A 202 17.62 -4.13 -0.09
N ILE A 203 16.96 -5.28 -0.21
CA ILE A 203 16.05 -5.47 -1.31
C ILE A 203 14.69 -5.74 -0.69
N ARG A 204 13.70 -4.98 -1.15
CA ARG A 204 12.30 -5.16 -0.73
C ARG A 204 11.55 -5.96 -1.77
N CYS A 205 10.49 -6.63 -1.32
CA CYS A 205 9.66 -7.42 -2.21
C CYS A 205 8.21 -7.28 -1.77
N ASN A 206 7.37 -6.77 -2.67
CA ASN A 206 5.97 -6.52 -2.37
C ASN A 206 5.08 -7.02 -3.50
N GLY A 207 3.79 -7.18 -3.19
CA GLY A 207 2.81 -7.56 -4.20
C GLY A 207 1.74 -6.48 -4.35
N ILE A 208 1.11 -6.47 -5.54
CA ILE A 208 -0.12 -5.74 -5.80
C ILE A 208 -1.15 -6.78 -6.18
N SER A 209 -2.28 -6.78 -5.47
CA SER A 209 -3.43 -7.61 -5.81
C SER A 209 -4.39 -6.68 -6.56
N ALA A 210 -4.37 -6.77 -7.89
CA ALA A 210 -5.14 -5.89 -8.75
C ALA A 210 -6.58 -6.39 -8.90
N GLY A 211 -7.51 -5.46 -9.05
CA GLY A 211 -8.85 -5.81 -9.53
C GLY A 211 -8.76 -6.30 -10.97
N PRO A 212 -9.85 -6.91 -11.47
CA PRO A 212 -9.84 -7.43 -12.83
C PRO A 212 -9.70 -6.31 -13.83
N ILE A 213 -8.94 -6.60 -14.89
CA ILE A 213 -8.66 -5.69 -15.99
C ILE A 213 -8.70 -6.46 -17.30
N LYS A 214 -9.35 -5.84 -18.31
CA LYS A 214 -9.45 -6.48 -19.62
C LYS A 214 -8.13 -6.38 -20.37
N THR A 215 -7.19 -7.28 -20.06
CA THR A 215 -5.94 -7.39 -20.76
C THR A 215 -6.06 -8.56 -21.75
N LEU A 216 -4.95 -8.91 -22.42
CA LEU A 216 -4.93 -10.17 -23.15
C LEU A 216 -5.17 -11.40 -22.27
N ALA A 217 -4.93 -11.31 -20.97
CA ALA A 217 -5.26 -12.40 -20.05
C ALA A 217 -6.75 -12.75 -20.10
N ALA A 218 -7.63 -11.75 -20.19
CA ALA A 218 -9.08 -11.97 -20.33
C ALA A 218 -9.50 -12.64 -21.64
N SER A 219 -8.63 -12.68 -22.64
CA SER A 219 -9.00 -13.31 -23.90
C SER A 219 -9.06 -14.83 -23.73
N GLY A 220 -10.22 -15.39 -24.07
CA GLY A 220 -10.43 -16.81 -23.87
C GLY A 220 -11.00 -17.05 -22.49
N ILE A 221 -11.09 -16.00 -21.66
CA ILE A 221 -11.86 -16.15 -20.44
C ILE A 221 -13.29 -15.71 -20.71
N ALA A 222 -14.19 -16.67 -20.78
CA ALA A 222 -15.59 -16.41 -21.07
C ALA A 222 -16.21 -15.46 -20.04
N ASP A 223 -17.13 -14.60 -20.47
CA ASP A 223 -17.99 -13.82 -19.59
C ASP A 223 -17.14 -12.86 -18.75
N PHE A 224 -15.99 -12.43 -19.27
CA PHE A 224 -15.15 -11.53 -18.51
C PHE A 224 -15.84 -10.19 -18.28
N GLY A 225 -16.64 -9.74 -19.23
CA GLY A 225 -17.37 -8.49 -19.08
C GLY A 225 -18.36 -8.54 -17.93
N LYS A 226 -18.94 -9.71 -17.66
CA LYS A 226 -19.84 -9.87 -16.54
C LYS A 226 -19.09 -9.69 -15.21
N LEU A 227 -17.85 -10.21 -15.13
N LEU A 227 -17.87 -10.24 -15.18
CA LEU A 227 -17.01 -10.08 -13.94
CA LEU A 227 -17.00 -10.12 -14.02
C LEU A 227 -16.72 -8.61 -13.72
C LEU A 227 -16.74 -8.65 -13.74
N LEU A 228 -16.34 -7.88 -14.76
CA LEU A 228 -16.10 -6.47 -14.67
C LEU A 228 -17.36 -5.75 -14.17
N GLY A 229 -18.51 -6.13 -14.71
CA GLY A 229 -19.74 -5.48 -14.29
C GLY A 229 -20.04 -5.69 -12.81
N HIS A 230 -19.82 -6.90 -12.35
CA HIS A 230 -20.00 -7.26 -10.95
C HIS A 230 -19.08 -6.40 -10.07
N VAL A 231 -17.79 -6.33 -10.37
CA VAL A 231 -16.89 -5.57 -9.52
C VAL A 231 -17.31 -4.10 -9.46
N ALA A 232 -17.59 -3.48 -10.61
CA ALA A 232 -18.00 -2.09 -10.65
C ALA A 232 -19.33 -1.83 -9.92
N ALA A 233 -20.18 -2.86 -9.82
CA ALA A 233 -21.46 -2.70 -9.15
C ALA A 233 -21.26 -2.79 -7.64
N HIS A 234 -20.25 -3.53 -7.20
CA HIS A 234 -20.15 -3.91 -5.80
C HIS A 234 -19.02 -3.18 -5.06
N ASN A 235 -18.00 -2.67 -5.72
CA ASN A 235 -16.86 -2.17 -4.95
C ASN A 235 -17.09 -0.75 -4.45
N PRO A 236 -16.41 -0.31 -3.37
CA PRO A 236 -16.60 1.04 -2.85
C PRO A 236 -16.53 2.14 -3.89
N LEU A 237 -15.61 2.06 -4.85
CA LEU A 237 -15.45 3.12 -5.84
C LEU A 237 -16.52 3.06 -6.94
N ARG A 238 -17.26 1.96 -7.04
CA ARG A 238 -18.25 1.72 -8.08
C ARG A 238 -17.64 1.88 -9.47
N ARG A 239 -16.44 1.32 -9.65
CA ARG A 239 -15.80 1.31 -10.94
C ARG A 239 -14.61 0.37 -10.93
N ASN A 240 -14.22 -0.07 -12.10
CA ASN A 240 -13.03 -0.90 -12.24
C ASN A 240 -11.78 -0.05 -12.26
N VAL A 241 -10.66 -0.71 -11.92
CA VAL A 241 -9.36 -0.06 -11.90
C VAL A 241 -8.70 -0.09 -13.28
N THR A 242 -7.70 0.77 -13.42
CA THR A 242 -6.95 0.88 -14.68
C THR A 242 -5.51 0.41 -14.51
N ILE A 243 -4.87 0.13 -15.63
CA ILE A 243 -3.46 -0.20 -15.57
C ILE A 243 -2.63 0.98 -15.08
N GLU A 244 -3.10 2.22 -15.25
CA GLU A 244 -2.40 3.39 -14.74
C GLU A 244 -2.41 3.39 -13.21
N GLU A 245 -3.55 3.02 -12.62
CA GLU A 245 -3.67 2.98 -11.17
C GLU A 245 -2.76 1.90 -10.60
N VAL A 246 -2.74 0.74 -11.23
CA VAL A 246 -1.85 -0.33 -10.84
C VAL A 246 -0.41 0.12 -11.01
N GLY A 247 -0.14 0.79 -12.14
CA GLY A 247 1.23 1.19 -12.45
C GLY A 247 1.78 2.21 -11.49
N ASN A 248 0.95 3.18 -11.10
CA ASN A 248 1.41 4.19 -10.16
C ASN A 248 1.71 3.56 -8.79
N THR A 249 0.92 2.55 -8.39
CA THR A 249 1.19 1.87 -7.12
C THR A 249 2.50 1.11 -7.22
N ALA A 250 2.76 0.44 -8.36
CA ALA A 250 4.02 -0.22 -8.58
C ALA A 250 5.20 0.77 -8.49
N ALA A 251 5.05 1.91 -9.16
CA ALA A 251 6.09 2.93 -9.13
C ALA A 251 6.43 3.31 -7.68
N PHE A 252 5.40 3.56 -6.88
CA PHE A 252 5.62 3.88 -5.45
C PHE A 252 6.38 2.75 -4.77
N LEU A 253 5.93 1.50 -4.98
CA LEU A 253 6.51 0.36 -4.31
C LEU A 253 7.93 0.08 -4.78
N LEU A 254 8.30 0.55 -6.00
CA LEU A 254 9.67 0.43 -6.49
C LEU A 254 10.59 1.55 -6.00
N SER A 255 9.97 2.59 -5.47
CA SER A 255 10.72 3.80 -5.07
C SER A 255 11.14 3.80 -3.61
N ASP A 256 12.06 4.70 -3.30
CA ASP A 256 12.48 4.81 -1.91
C ASP A 256 11.41 5.44 -1.02
N LEU A 257 10.33 5.95 -1.59
CA LEU A 257 9.21 6.48 -0.82
C LEU A 257 8.60 5.33 0.03
N SER A 258 8.71 4.09 -0.48
CA SER A 258 8.10 2.94 0.17
C SER A 258 9.11 2.14 0.99
N SER A 259 10.22 2.77 1.39
CA SER A 259 11.31 2.04 2.03
C SER A 259 10.96 1.37 3.35
N GLY A 260 9.89 1.76 3.98
CA GLY A 260 9.42 1.07 5.19
C GLY A 260 8.50 -0.12 4.94
N ILE A 261 8.24 -0.48 3.66
CA ILE A 261 7.24 -1.51 3.33
C ILE A 261 7.90 -2.67 2.63
N THR A 262 7.76 -3.88 3.18
CA THR A 262 8.25 -5.07 2.53
C THR A 262 7.35 -6.23 2.94
N GLY A 263 7.21 -7.20 2.03
CA GLY A 263 6.42 -8.40 2.29
C GLY A 263 4.91 -8.15 2.24
N GLU A 264 4.49 -6.99 1.73
CA GLU A 264 3.11 -6.52 1.78
C GLU A 264 2.39 -6.88 0.47
N ILE A 265 1.10 -7.25 0.56
CA ILE A 265 0.22 -7.34 -0.62
C ILE A 265 -0.73 -6.14 -0.52
N THR A 266 -0.64 -5.24 -1.51
CA THR A 266 -1.49 -4.06 -1.57
C THR A 266 -2.61 -4.26 -2.58
N TYR A 267 -3.84 -4.05 -2.15
CA TYR A 267 -5.01 -4.23 -3.01
C TYR A 267 -5.29 -2.96 -3.79
N VAL A 268 -5.25 -3.08 -5.12
CA VAL A 268 -5.58 -2.00 -6.04
C VAL A 268 -6.79 -2.48 -6.84
N ASP A 269 -7.95 -2.52 -6.19
CA ASP A 269 -9.20 -3.12 -6.66
C ASP A 269 -10.40 -2.21 -6.36
N GLY A 270 -10.11 -0.94 -6.05
CA GLY A 270 -11.14 -0.01 -5.66
C GLY A 270 -11.90 -0.44 -4.41
N GLY A 271 -11.23 -1.17 -3.52
CA GLY A 271 -11.85 -1.66 -2.31
C GLY A 271 -12.71 -2.90 -2.43
N TYR A 272 -12.72 -3.53 -3.63
CA TYR A 272 -13.61 -4.66 -3.83
C TYR A 272 -13.50 -5.72 -2.74
N SER A 273 -12.26 -6.12 -2.38
CA SER A 273 -12.07 -7.21 -1.45
C SER A 273 -12.62 -6.96 -0.06
N ILE A 274 -12.78 -5.70 0.35
CA ILE A 274 -13.13 -5.43 1.73
C ILE A 274 -14.64 -5.29 1.87
N ASN A 275 -15.45 -5.40 0.79
CA ASN A 275 -16.92 -5.36 0.84
C ASN A 275 -17.57 -6.74 0.95
N ALA A 276 -18.75 -6.84 1.61
CA ALA A 276 -19.56 -8.05 1.67
C ALA A 276 -21.05 -7.70 1.76
N LEU A 277 -21.84 -8.76 1.54
CA LEU A 277 -23.30 -8.73 1.50
C LEU A 277 -23.74 -7.62 0.55
N SER A 278 -23.13 -7.53 -0.63
CA SER A 278 -23.66 -6.54 -1.55
C SER A 278 -24.83 -7.21 -2.24
N THR A 279 -26.04 -6.87 -1.82
CA THR A 279 -27.25 -7.34 -2.49
C THR A 279 -27.68 -6.23 -3.45
N GLY B 22 6.12 18.18 -7.20
CA GLY B 22 5.84 16.98 -6.39
C GLY B 22 4.45 16.46 -6.69
N PHE B 23 4.11 15.28 -6.16
CA PHE B 23 2.90 14.63 -6.58
C PHE B 23 1.70 15.02 -5.72
N LEU B 24 1.85 16.04 -4.83
CA LEU B 24 0.71 16.58 -4.13
C LEU B 24 0.48 18.05 -4.46
N GLN B 25 1.05 18.48 -5.61
CA GLN B 25 0.79 19.85 -6.03
C GLN B 25 -0.70 20.06 -6.23
N GLY B 26 -1.19 21.18 -5.68
CA GLY B 26 -2.59 21.54 -5.76
C GLY B 26 -3.47 20.95 -4.65
N LYS B 27 -2.92 20.02 -3.88
CA LYS B 27 -3.74 19.40 -2.85
C LYS B 27 -3.67 20.23 -1.58
N LYS B 28 -4.82 20.31 -0.94
CA LYS B 28 -4.99 20.97 0.35
C LYS B 28 -5.38 19.90 1.38
N ILE B 29 -4.56 19.82 2.40
CA ILE B 29 -4.61 18.71 3.36
C ILE B 29 -4.66 19.21 4.80
N LEU B 30 -5.62 18.71 5.57
CA LEU B 30 -5.79 19.01 7.00
C LEU B 30 -5.13 17.86 7.80
N ILE B 31 -4.24 18.23 8.69
CA ILE B 31 -3.48 17.26 9.50
C ILE B 31 -3.80 17.42 10.98
N THR B 32 -4.26 16.33 11.60
CA THR B 32 -4.49 16.27 13.05
C THR B 32 -3.28 15.66 13.71
N GLY B 33 -3.14 15.93 15.03
CA GLY B 33 -2.22 15.14 15.83
C GLY B 33 -0.75 15.55 15.84
N MET B 34 -0.38 16.70 15.21
CA MET B 34 1.00 17.13 15.18
C MET B 34 1.30 17.94 16.45
N ILE B 35 2.01 17.32 17.41
CA ILE B 35 2.22 18.01 18.71
C ILE B 35 3.70 18.27 18.93
N SER B 36 4.59 17.59 18.21
CA SER B 36 6.03 17.80 18.32
C SER B 36 6.67 17.33 17.01
N GLU B 37 7.96 17.59 16.84
CA GLU B 37 8.70 17.15 15.68
C GLU B 37 8.92 15.63 15.71
N ARG B 38 8.61 14.96 16.82
CA ARG B 38 8.70 13.50 16.83
C ARG B 38 7.38 12.85 16.41
N SER B 39 6.29 13.59 16.39
CA SER B 39 4.96 13.06 16.04
C SER B 39 4.99 12.44 14.65
N ILE B 40 4.26 11.33 14.51
CA ILE B 40 4.02 10.78 13.18
C ILE B 40 3.38 11.85 12.30
N ALA B 41 2.45 12.64 12.81
CA ALA B 41 1.80 13.67 12.00
C ALA B 41 2.81 14.70 11.49
N TYR B 42 3.90 14.96 12.21
CA TYR B 42 4.94 15.84 11.69
C TYR B 42 5.65 15.20 10.51
N GLY B 43 5.97 13.90 10.57
CA GLY B 43 6.59 13.21 9.46
C GLY B 43 5.64 13.29 8.25
N ILE B 44 4.34 13.11 8.48
CA ILE B 44 3.36 13.19 7.42
C ILE B 44 3.36 14.61 6.85
N ALA B 45 3.27 15.62 7.71
CA ALA B 45 3.20 16.99 7.23
C ALA B 45 4.42 17.34 6.40
N LYS B 46 5.60 16.98 6.88
CA LYS B 46 6.83 17.27 6.19
C LYS B 46 6.87 16.60 4.81
N ALA B 47 6.49 15.32 4.77
CA ALA B 47 6.48 14.59 3.50
C ALA B 47 5.46 15.19 2.55
N CYS B 48 4.30 15.61 3.03
CA CYS B 48 3.29 16.17 2.18
C CYS B 48 3.75 17.53 1.63
N ARG B 49 4.38 18.35 2.48
CA ARG B 49 4.80 19.68 2.03
C ARG B 49 5.90 19.54 1.00
N GLU B 50 6.78 18.52 1.15
CA GLU B 50 7.86 18.23 0.23
C GLU B 50 7.32 17.85 -1.14
N GLN B 51 6.09 17.34 -1.21
CA GLN B 51 5.46 16.92 -2.46
C GLN B 51 4.53 18.00 -3.02
N GLY B 52 4.54 19.15 -2.37
CA GLY B 52 3.86 20.34 -2.87
C GLY B 52 2.50 20.63 -2.28
N ALA B 53 2.05 19.89 -1.24
CA ALA B 53 0.75 20.16 -0.69
C ALA B 53 0.74 21.46 0.12
N GLU B 54 -0.43 22.07 0.24
CA GLU B 54 -0.66 23.14 1.19
C GLU B 54 -1.37 22.56 2.41
N LEU B 55 -0.94 22.97 3.62
CA LEU B 55 -1.38 22.31 4.83
C LEU B 55 -2.15 23.23 5.77
N ALA B 56 -2.94 22.58 6.60
CA ALA B 56 -3.65 23.14 7.75
C ALA B 56 -3.60 22.10 8.88
N PHE B 57 -3.76 22.56 10.10
CA PHE B 57 -3.50 21.75 11.27
C PHE B 57 -4.53 21.97 12.35
N THR B 58 -4.75 20.92 13.18
CA THR B 58 -5.55 21.04 14.39
C THR B 58 -4.66 20.76 15.61
N TYR B 59 -5.11 21.31 16.76
CA TYR B 59 -4.43 20.99 18.03
C TYR B 59 -5.48 20.87 19.12
N VAL B 60 -5.19 20.02 20.13
CA VAL B 60 -6.25 19.54 21.01
C VAL B 60 -6.64 20.57 22.06
N VAL B 61 -5.66 21.17 22.78
CA VAL B 61 -5.99 22.13 23.84
C VAL B 61 -5.34 23.50 23.56
N ASP B 62 -5.92 24.55 24.16
CA ASP B 62 -5.45 25.90 23.93
C ASP B 62 -3.96 26.04 24.28
N LYS B 63 -3.51 25.27 25.28
CA LYS B 63 -2.14 25.30 25.78
C LYS B 63 -1.10 25.04 24.70
N LEU B 64 -1.51 24.40 23.60
CA LEU B 64 -0.58 23.88 22.59
C LEU B 64 -0.43 24.82 21.40
N GLU B 65 -1.27 25.86 21.34
CA GLU B 65 -1.45 26.69 20.17
C GLU B 65 -0.12 27.22 19.65
N GLU B 66 0.71 27.75 20.56
CA GLU B 66 1.91 28.47 20.15
C GLU B 66 2.86 27.51 19.46
N ARG B 67 3.06 26.34 20.07
CA ARG B 67 3.99 25.36 19.55
C ARG B 67 3.53 24.91 18.16
N VAL B 68 2.22 24.71 18.00
CA VAL B 68 1.71 24.18 16.75
C VAL B 68 1.75 25.26 15.67
N ARG B 69 1.42 26.52 16.01
CA ARG B 69 1.51 27.60 15.03
C ARG B 69 2.95 27.73 14.54
N LYS B 70 3.91 27.58 15.44
CA LYS B 70 5.30 27.67 15.04
C LYS B 70 5.68 26.57 14.05
N MET B 71 5.27 25.34 14.35
CA MET B 71 5.66 24.21 13.46
C MET B 71 4.93 24.41 12.11
N ALA B 72 3.70 24.86 12.18
CA ALA B 72 2.90 25.07 10.98
C ALA B 72 3.58 26.12 10.09
N ALA B 73 4.10 27.16 10.74
CA ALA B 73 4.71 28.26 9.99
C ALA B 73 5.94 27.75 9.26
N GLU B 74 6.71 26.84 9.86
CA GLU B 74 7.89 26.31 9.22
C GLU B 74 7.51 25.47 7.99
N LEU B 75 6.28 24.95 7.98
CA LEU B 75 5.74 24.21 6.83
C LEU B 75 4.84 25.10 5.96
N ASP B 76 5.02 26.43 6.08
CA ASP B 76 4.40 27.42 5.22
C ASP B 76 2.90 27.54 5.44
N SER B 77 2.42 27.22 6.66
CA SER B 77 1.00 27.31 6.94
C SER B 77 0.70 28.30 8.07
N GLU B 78 -0.43 29.00 7.92
CA GLU B 78 -0.97 29.84 8.97
C GLU B 78 -2.36 29.37 9.35
N LEU B 79 -2.69 28.11 9.01
CA LEU B 79 -4.06 27.65 9.17
C LEU B 79 -4.07 26.60 10.28
N VAL B 80 -4.43 27.04 11.50
CA VAL B 80 -4.35 26.20 12.68
C VAL B 80 -5.64 26.38 13.46
N PHE B 81 -6.24 25.28 13.91
CA PHE B 81 -7.58 25.29 14.48
C PHE B 81 -7.60 24.39 15.72
N ARG B 82 -8.28 24.84 16.77
CA ARG B 82 -8.42 24.01 17.96
C ARG B 82 -9.45 22.93 17.71
N CYS B 83 -9.12 21.69 18.09
CA CYS B 83 -10.06 20.59 17.93
C CYS B 83 -9.79 19.46 18.92
N ASP B 84 -10.69 19.37 19.90
CA ASP B 84 -10.81 18.19 20.75
C ASP B 84 -11.87 17.29 20.14
N VAL B 85 -11.45 16.10 19.71
CA VAL B 85 -12.39 15.26 19.00
C VAL B 85 -13.43 14.63 19.90
N ALA B 86 -13.40 14.96 21.21
CA ALA B 86 -14.48 14.62 22.12
C ALA B 86 -15.74 15.45 21.88
N SER B 87 -15.58 16.53 21.10
CA SER B 87 -16.59 17.58 20.93
C SER B 87 -17.06 17.68 19.47
N ASP B 88 -18.31 17.35 19.25
CA ASP B 88 -18.93 17.49 17.93
C ASP B 88 -18.87 18.95 17.49
N ASP B 89 -19.14 19.87 18.41
CA ASP B 89 -19.11 21.29 18.05
C ASP B 89 -17.72 21.71 17.59
N GLU B 90 -16.66 21.32 18.27
CA GLU B 90 -15.32 21.75 17.92
C GLU B 90 -14.95 21.15 16.55
N ILE B 91 -15.35 19.88 16.34
CA ILE B 91 -15.03 19.22 15.06
C ILE B 91 -15.70 19.98 13.89
N ASN B 92 -16.98 20.25 14.04
CA ASN B 92 -17.73 20.97 13.01
C ASN B 92 -17.13 22.36 12.78
N GLN B 93 -16.71 23.04 13.85
CA GLN B 93 -16.19 24.39 13.73
C GLN B 93 -14.89 24.41 12.92
N VAL B 94 -14.07 23.34 12.97
CA VAL B 94 -12.88 23.31 12.16
C VAL B 94 -13.21 23.53 10.69
N PHE B 95 -14.20 22.77 10.21
CA PHE B 95 -14.52 22.73 8.78
C PHE B 95 -15.24 24.03 8.38
N ALA B 96 -16.12 24.54 9.26
CA ALA B 96 -16.67 25.89 9.08
C ALA B 96 -15.58 26.93 8.94
N ASP B 97 -14.57 26.95 9.80
CA ASP B 97 -13.51 27.92 9.73
C ASP B 97 -12.66 27.69 8.48
N LEU B 98 -12.34 26.42 8.17
CA LEU B 98 -11.41 26.15 7.10
C LEU B 98 -12.03 26.50 5.75
N GLY B 99 -13.31 26.24 5.64
CA GLY B 99 -14.10 26.52 4.44
C GLY B 99 -14.06 28.01 4.03
N LYS B 100 -13.67 28.91 4.95
CA LYS B 100 -13.54 30.32 4.60
C LYS B 100 -12.22 30.61 3.89
N HIS B 101 -11.27 29.68 3.90
CA HIS B 101 -9.97 29.82 3.26
C HIS B 101 -9.84 28.90 2.05
N TRP B 102 -10.42 27.69 2.14
CA TRP B 102 -10.30 26.67 1.11
C TRP B 102 -11.64 26.32 0.45
N ASP B 103 -11.60 26.16 -0.90
CA ASP B 103 -12.78 25.79 -1.65
C ASP B 103 -13.28 24.38 -1.34
N GLY B 104 -12.33 23.53 -0.92
CA GLY B 104 -12.62 22.16 -0.58
C GLY B 104 -11.40 21.60 0.14
N LEU B 105 -11.51 20.32 0.52
CA LEU B 105 -10.47 19.62 1.25
C LEU B 105 -10.07 18.38 0.46
N ASP B 106 -8.80 18.32 0.07
CA ASP B 106 -8.33 17.19 -0.74
C ASP B 106 -7.85 16.02 0.14
N GLY B 107 -7.36 16.33 1.35
CA GLY B 107 -6.74 15.29 2.19
C GLY B 107 -7.04 15.57 3.66
N LEU B 108 -7.30 14.48 4.40
CA LEU B 108 -7.56 14.51 5.83
C LEU B 108 -6.71 13.43 6.48
N VAL B 109 -5.86 13.83 7.42
CA VAL B 109 -4.99 12.91 8.14
C VAL B 109 -5.47 12.82 9.57
N HIS B 110 -5.87 11.59 9.94
CA HIS B 110 -6.22 11.21 11.31
C HIS B 110 -4.99 10.60 11.96
N SER B 111 -4.42 11.30 12.96
CA SER B 111 -3.23 10.85 13.67
C SER B 111 -3.45 11.10 15.17
N ILE B 112 -4.54 10.53 15.66
CA ILE B 112 -5.00 10.77 17.02
C ILE B 112 -5.20 9.40 17.65
N GLY B 113 -4.57 9.16 18.81
CA GLY B 113 -4.75 7.93 19.54
C GLY B 113 -4.57 8.26 21.02
N PHE B 114 -5.49 7.75 21.84
CA PHE B 114 -5.41 8.03 23.29
C PHE B 114 -6.18 6.98 24.04
N ALA B 115 -5.55 6.48 25.14
CA ALA B 115 -6.27 5.76 26.19
C ALA B 115 -5.68 6.26 27.50
N PRO B 116 -6.46 6.23 28.60
CA PRO B 116 -5.87 6.49 29.92
C PRO B 116 -4.63 5.61 30.14
N LYS B 117 -3.54 6.22 30.60
CA LYS B 117 -2.25 5.58 30.79
C LYS B 117 -2.36 4.32 31.65
N GLU B 118 -3.23 4.35 32.65
CA GLU B 118 -3.35 3.24 33.58
C GLU B 118 -3.93 1.99 32.89
N ALA B 119 -4.63 2.19 31.77
CA ALA B 119 -5.14 1.06 31.01
C ALA B 119 -4.11 0.47 30.08
N LEU B 120 -2.90 1.04 29.95
CA LEU B 120 -1.85 0.63 29.04
C LEU B 120 -0.63 0.02 29.75
N SER B 121 -0.89 -0.56 30.90
CA SER B 121 0.15 -1.14 31.74
C SER B 121 -0.45 -2.37 32.44
N GLY B 122 0.21 -3.49 32.29
CA GLY B 122 -0.11 -4.62 33.12
C GLY B 122 -1.19 -5.49 32.49
N ASP B 123 -1.70 -6.40 33.32
CA ASP B 123 -2.65 -7.41 32.89
C ASP B 123 -3.86 -6.72 32.26
N PHE B 124 -4.24 -7.25 31.09
CA PHE B 124 -5.31 -6.65 30.28
C PHE B 124 -6.62 -6.47 31.06
N LEU B 125 -7.07 -7.54 31.74
CA LEU B 125 -8.34 -7.47 32.45
C LEU B 125 -8.25 -6.68 33.75
N ASP B 126 -7.12 -6.78 34.45
CA ASP B 126 -6.98 -5.97 35.65
C ASP B 126 -6.97 -4.49 35.33
N SER B 127 -6.43 -4.10 34.17
CA SER B 127 -6.19 -2.69 33.88
C SER B 127 -7.37 -2.04 33.17
N ILE B 128 -8.27 -2.86 32.63
CA ILE B 128 -9.40 -2.30 31.90
C ILE B 128 -10.48 -1.80 32.83
N SER B 129 -11.24 -0.82 32.37
CA SER B 129 -12.43 -0.33 33.04
C SER B 129 -13.38 0.14 31.93
N ARG B 130 -14.66 0.27 32.27
CA ARG B 130 -15.66 0.80 31.30
C ARG B 130 -15.28 2.22 30.86
N GLU B 131 -14.92 3.08 31.81
CA GLU B 131 -14.60 4.46 31.49
C GLU B 131 -13.37 4.49 30.57
N ALA B 132 -12.33 3.70 30.82
CA ALA B 132 -11.14 3.74 29.98
C ALA B 132 -11.45 3.18 28.59
N PHE B 133 -12.21 2.13 28.54
CA PHE B 133 -12.68 1.55 27.29
C PHE B 133 -13.39 2.64 26.50
N ASN B 134 -14.38 3.29 27.12
CA ASN B 134 -15.17 4.30 26.41
C ASN B 134 -14.31 5.43 25.89
N THR B 135 -13.43 5.98 26.72
CA THR B 135 -12.56 7.07 26.32
C THR B 135 -11.68 6.62 25.15
N ALA B 136 -11.06 5.45 25.28
CA ALA B 136 -10.12 4.99 24.28
C ALA B 136 -10.86 4.87 22.93
N HIS B 137 -12.03 4.26 22.96
CA HIS B 137 -12.78 4.07 21.71
C HIS B 137 -13.29 5.38 21.13
N GLU B 138 -13.81 6.28 21.96
CA GLU B 138 -14.34 7.55 21.47
C GLU B 138 -13.25 8.39 20.83
N ILE B 139 -12.09 8.50 21.47
CA ILE B 139 -11.04 9.36 21.00
C ILE B 139 -10.28 8.70 19.85
N SER B 140 -9.98 7.42 19.94
CA SER B 140 -9.12 6.72 19.01
C SER B 140 -9.84 6.12 17.79
N ALA B 141 -11.13 5.82 17.90
CA ALA B 141 -11.85 5.13 16.83
C ALA B 141 -13.05 5.96 16.31
N TYR B 142 -13.94 6.44 17.17
CA TYR B 142 -15.10 7.19 16.72
C TYR B 142 -14.68 8.46 15.99
N SER B 143 -13.54 9.00 16.36
CA SER B 143 -12.99 10.22 15.82
C SER B 143 -12.79 10.12 14.31
N LEU B 144 -12.56 8.91 13.77
CA LEU B 144 -12.40 8.76 12.31
C LEU B 144 -13.73 9.02 11.63
N PRO B 145 -14.83 8.27 11.84
CA PRO B 145 -16.12 8.63 11.24
C PRO B 145 -16.54 10.04 11.60
N ALA B 146 -16.25 10.51 12.82
CA ALA B 146 -16.73 11.83 13.17
C ALA B 146 -16.08 12.88 12.27
N LEU B 147 -14.76 12.80 12.10
CA LEU B 147 -14.02 13.72 11.25
C LEU B 147 -14.47 13.56 9.79
N ALA B 148 -14.58 12.30 9.32
CA ALA B 148 -15.00 12.08 7.92
C ALA B 148 -16.36 12.69 7.69
N LYS B 149 -17.28 12.55 8.61
CA LYS B 149 -18.64 13.05 8.44
C LYS B 149 -18.61 14.57 8.42
N ALA B 150 -17.81 15.20 9.28
CA ALA B 150 -17.82 16.66 9.35
C ALA B 150 -17.15 17.24 8.10
N ALA B 151 -16.19 16.51 7.56
CA ALA B 151 -15.39 16.93 6.39
C ALA B 151 -16.14 16.67 5.09
N ARG B 152 -17.17 15.84 5.11
CA ARG B 152 -17.75 15.28 3.90
C ARG B 152 -18.15 16.40 2.93
N PRO B 153 -18.80 17.49 3.37
CA PRO B 153 -19.21 18.53 2.41
C PRO B 153 -18.03 19.10 1.67
N MET B 154 -16.87 19.27 2.31
CA MET B 154 -15.70 19.82 1.70
C MET B 154 -14.92 18.81 0.86
N MET B 155 -15.13 17.50 1.08
CA MET B 155 -14.32 16.49 0.40
C MET B 155 -15.03 15.83 -0.77
N ARG B 156 -16.35 15.79 -0.76
CA ARG B 156 -17.15 15.04 -1.71
C ARG B 156 -16.97 15.65 -3.10
N GLY B 157 -16.70 14.80 -4.08
CA GLY B 157 -16.59 15.23 -5.47
C GLY B 157 -15.22 15.73 -5.83
N ARG B 158 -14.22 15.75 -4.93
CA ARG B 158 -12.93 16.34 -5.17
C ARG B 158 -11.86 15.28 -5.51
N ASN B 159 -12.22 14.01 -5.63
CA ASN B 159 -11.25 12.92 -5.71
C ASN B 159 -10.21 13.09 -4.59
N SER B 160 -10.76 13.02 -3.37
CA SER B 160 -10.02 13.34 -2.15
C SER B 160 -9.71 12.05 -1.38
N ALA B 161 -9.07 12.22 -0.22
CA ALA B 161 -8.60 11.02 0.49
C ALA B 161 -8.37 11.31 1.98
N ILE B 162 -8.65 10.25 2.76
CA ILE B 162 -8.45 10.20 4.21
C ILE B 162 -7.40 9.14 4.48
N VAL B 163 -6.49 9.44 5.43
CA VAL B 163 -5.51 8.48 5.90
C VAL B 163 -5.58 8.51 7.44
N ALA B 164 -5.66 7.33 8.07
CA ALA B 164 -5.63 7.19 9.52
C ALA B 164 -4.53 6.23 9.94
N LEU B 165 -3.93 6.49 11.13
CA LEU B 165 -2.87 5.67 11.67
C LEU B 165 -3.40 4.61 12.64
N SER B 166 -3.04 3.37 12.34
CA SER B 166 -3.36 2.23 13.20
C SER B 166 -2.08 1.51 13.61
N TYR B 167 -2.29 0.43 14.40
CA TYR B 167 -1.20 -0.37 14.92
C TYR B 167 -1.63 -1.84 14.99
N LEU B 168 -0.63 -2.71 14.93
CA LEU B 168 -0.74 -4.17 14.94
C LEU B 168 -1.69 -4.74 15.99
N GLY B 169 -1.83 -4.08 17.15
CA GLY B 169 -2.74 -4.47 18.18
C GLY B 169 -4.18 -4.61 17.73
N ALA B 170 -4.53 -4.02 16.58
CA ALA B 170 -5.86 -4.26 16.01
C ALA B 170 -6.10 -5.75 15.76
N VAL B 171 -5.05 -6.45 15.32
CA VAL B 171 -5.18 -7.79 14.77
C VAL B 171 -4.34 -8.85 15.51
N ARG B 172 -3.50 -8.41 16.44
CA ARG B 172 -2.70 -9.34 17.27
C ARG B 172 -2.81 -8.90 18.72
N ALA B 173 -2.74 -9.86 19.64
CA ALA B 173 -2.66 -9.50 21.06
C ALA B 173 -1.19 -9.12 21.38
N ILE B 174 -1.04 -8.03 22.12
CA ILE B 174 0.27 -7.44 22.39
C ILE B 174 0.29 -7.14 23.86
N PRO B 175 1.38 -7.46 24.60
CA PRO B 175 1.39 -7.09 26.01
C PRO B 175 1.26 -5.60 26.24
N ASN B 176 0.51 -5.23 27.26
CA ASN B 176 0.36 -3.86 27.75
C ASN B 176 -0.49 -2.91 26.84
N TYR B 177 -0.58 -3.21 25.54
CA TYR B 177 -1.34 -2.35 24.63
C TYR B 177 -2.83 -2.41 24.94
N ASN B 178 -3.28 -3.56 25.44
CA ASN B 178 -4.52 -3.71 26.16
C ASN B 178 -5.67 -3.04 25.40
N VAL B 179 -6.44 -2.15 26.00
CA VAL B 179 -7.69 -1.70 25.40
C VAL B 179 -7.40 -0.95 24.09
N MET B 180 -6.19 -0.45 23.91
CA MET B 180 -5.90 0.31 22.67
C MET B 180 -5.98 -0.64 21.46
N GLY B 181 -5.74 -1.93 21.69
CA GLY B 181 -5.89 -2.89 20.60
C GLY B 181 -7.34 -3.01 20.17
N MET B 182 -8.27 -3.06 21.11
CA MET B 182 -9.69 -3.05 20.78
C MET B 182 -10.04 -1.75 20.04
N ALA B 183 -9.50 -0.62 20.49
CA ALA B 183 -9.80 0.65 19.81
C ALA B 183 -9.25 0.67 18.39
N LYS B 184 -8.03 0.16 18.17
CA LYS B 184 -7.46 0.10 16.83
C LYS B 184 -8.26 -0.82 15.93
N ALA B 185 -8.78 -1.91 16.45
CA ALA B 185 -9.61 -2.83 15.65
C ALA B 185 -10.87 -2.09 15.22
N SER B 186 -11.51 -1.35 16.12
CA SER B 186 -12.67 -0.52 15.81
C SER B 186 -12.31 0.51 14.74
N LEU B 187 -11.15 1.14 14.87
CA LEU B 187 -10.69 2.13 13.87
C LEU B 187 -10.57 1.48 12.50
N GLU B 188 -9.92 0.31 12.41
CA GLU B 188 -9.67 -0.30 11.11
C GLU B 188 -10.99 -0.71 10.45
N ALA B 189 -11.95 -1.20 11.19
CA ALA B 189 -13.29 -1.47 10.67
C ALA B 189 -13.90 -0.12 10.24
N GLY B 190 -13.71 0.98 11.01
CA GLY B 190 -14.16 2.29 10.62
C GLY B 190 -13.59 2.69 9.27
N ILE B 191 -12.33 2.42 9.02
CA ILE B 191 -11.71 2.70 7.73
C ILE B 191 -12.46 2.00 6.63
N ARG B 192 -12.74 0.72 6.80
CA ARG B 192 -13.47 -0.05 5.80
C ARG B 192 -14.87 0.51 5.57
N PHE B 193 -15.61 0.76 6.64
CA PHE B 193 -16.98 1.22 6.50
C PHE B 193 -16.99 2.63 5.91
N THR B 194 -16.07 3.50 6.27
CA THR B 194 -16.00 4.86 5.75
C THR B 194 -15.70 4.76 4.24
N ALA B 195 -14.73 3.94 3.86
CA ALA B 195 -14.39 3.76 2.43
C ALA B 195 -15.62 3.26 1.66
N ALA B 196 -16.35 2.29 2.17
CA ALA B 196 -17.53 1.75 1.50
C ALA B 196 -18.61 2.81 1.38
N CYS B 197 -18.69 3.71 2.34
CA CYS B 197 -19.72 4.75 2.37
C CYS B 197 -19.39 5.83 1.34
N LEU B 198 -18.16 6.30 1.31
CA LEU B 198 -17.82 7.55 0.62
C LEU B 198 -17.21 7.37 -0.77
N GLY B 199 -16.91 6.14 -1.18
CA GLY B 199 -16.21 5.95 -2.44
C GLY B 199 -16.99 6.41 -3.68
N LYS B 200 -18.29 6.25 -3.65
CA LYS B 200 -19.11 6.62 -4.82
C LYS B 200 -19.01 8.14 -5.03
N GLU B 201 -18.87 8.90 -3.94
CA GLU B 201 -18.76 10.34 -4.09
C GLU B 201 -17.32 10.85 -4.10
N GLY B 202 -16.36 10.00 -4.39
CA GLY B 202 -15.04 10.43 -4.72
C GLY B 202 -14.15 10.77 -3.52
N ILE B 203 -14.36 10.01 -2.42
CA ILE B 203 -13.50 10.12 -1.24
C ILE B 203 -13.00 8.72 -0.89
N ARG B 204 -11.68 8.61 -0.82
CA ARG B 204 -11.07 7.34 -0.42
C ARG B 204 -10.69 7.43 1.08
N CYS B 205 -10.55 6.25 1.72
CA CYS B 205 -10.20 6.20 3.13
C CYS B 205 -9.33 4.96 3.34
N ASN B 206 -8.10 5.18 3.80
CA ASN B 206 -7.10 4.11 3.98
C ASN B 206 -6.41 4.27 5.33
N GLY B 207 -5.79 3.18 5.79
CA GLY B 207 -4.99 3.20 7.02
C GLY B 207 -3.54 2.89 6.72
N ILE B 208 -2.68 3.34 7.63
CA ILE B 208 -1.32 2.89 7.77
C ILE B 208 -1.19 2.22 9.14
N SER B 209 -0.73 0.98 9.15
CA SER B 209 -0.36 0.34 10.42
C SER B 209 1.17 0.45 10.53
N ALA B 210 1.61 1.45 11.34
CA ALA B 210 3.04 1.73 11.44
C ALA B 210 3.71 0.81 12.46
N GLY B 211 4.98 0.47 12.23
CA GLY B 211 5.79 -0.10 13.29
C GLY B 211 5.98 0.92 14.41
N PRO B 212 6.50 0.44 15.58
CA PRO B 212 6.62 1.34 16.73
C PRO B 212 7.65 2.43 16.43
N ILE B 213 7.33 3.63 16.93
CA ILE B 213 8.19 4.79 16.77
C ILE B 213 8.24 5.50 18.12
N LYS B 214 9.45 5.98 18.49
CA LYS B 214 9.58 6.73 19.74
C LYS B 214 9.08 8.16 19.59
N THR B 215 7.79 8.37 19.81
CA THR B 215 7.14 9.66 19.83
C THR B 215 6.80 9.97 21.30
N LEU B 216 6.04 11.02 21.53
CA LEU B 216 5.42 11.29 22.84
C LEU B 216 4.39 10.25 23.27
N ALA B 217 3.89 9.41 22.34
CA ALA B 217 3.07 8.28 22.73
C ALA B 217 3.84 7.25 23.58
N ALA B 218 5.18 7.18 23.43
CA ALA B 218 5.99 6.24 24.20
C ALA B 218 6.24 6.72 25.64
N SER B 219 5.84 7.94 25.97
CA SER B 219 6.08 8.50 27.29
C SER B 219 5.40 7.68 28.36
N GLY B 220 6.16 7.23 29.36
CA GLY B 220 5.58 6.48 30.45
C GLY B 220 5.26 5.05 30.05
N ILE B 221 5.55 4.67 28.79
CA ILE B 221 5.38 3.28 28.40
C ILE B 221 6.70 2.58 28.67
N ALA B 222 6.73 1.88 29.80
CA ALA B 222 7.93 1.20 30.27
C ALA B 222 8.43 0.25 29.19
N ASP B 223 9.75 0.20 29.02
CA ASP B 223 10.33 -0.80 28.11
C ASP B 223 9.91 -0.60 26.65
N PHE B 224 9.65 0.65 26.24
CA PHE B 224 9.38 0.91 24.84
C PHE B 224 10.66 0.61 24.06
N GLY B 225 11.80 0.89 24.69
CA GLY B 225 13.09 0.62 24.10
C GLY B 225 13.25 -0.86 23.79
N LYS B 226 12.75 -1.75 24.68
CA LYS B 226 12.83 -3.17 24.45
C LYS B 226 11.95 -3.58 23.27
N LEU B 227 10.77 -2.97 23.15
CA LEU B 227 9.89 -3.18 21.98
C LEU B 227 10.58 -2.82 20.68
N LEU B 228 11.20 -1.63 20.61
CA LEU B 228 11.98 -1.21 19.47
C LEU B 228 13.10 -2.20 19.16
N GLY B 229 13.84 -2.66 20.18
CA GLY B 229 14.92 -3.58 19.89
C GLY B 229 14.39 -4.91 19.35
N HIS B 230 13.24 -5.36 19.88
CA HIS B 230 12.61 -6.56 19.40
C HIS B 230 12.22 -6.41 17.92
N VAL B 231 11.63 -5.30 17.55
CA VAL B 231 11.18 -5.22 16.16
C VAL B 231 12.38 -5.18 15.23
N ALA B 232 13.42 -4.40 15.54
CA ALA B 232 14.59 -4.34 14.69
C ALA B 232 15.36 -5.66 14.63
N ALA B 233 15.23 -6.50 15.68
CA ALA B 233 15.95 -7.77 15.63
C ALA B 233 15.20 -8.80 14.78
N HIS B 234 13.89 -8.62 14.60
CA HIS B 234 13.02 -9.68 14.07
C HIS B 234 12.50 -9.35 12.66
N ASN B 235 12.39 -8.08 12.28
CA ASN B 235 11.69 -7.77 11.04
C ASN B 235 12.60 -7.97 9.83
N PRO B 236 12.02 -8.16 8.64
CA PRO B 236 12.84 -8.42 7.43
C PRO B 236 13.90 -7.35 7.19
N LEU B 237 13.61 -6.06 7.43
CA LEU B 237 14.58 -4.99 7.16
C LEU B 237 15.64 -4.90 8.27
N ARG B 238 15.42 -5.57 9.39
CA ARG B 238 16.35 -5.52 10.53
C ARG B 238 16.55 -4.08 10.99
N ARG B 239 15.46 -3.34 11.02
CA ARG B 239 15.52 -1.95 11.49
C ARG B 239 14.13 -1.40 11.76
N ASN B 240 14.05 -0.41 12.62
CA ASN B 240 12.82 0.26 12.92
C ASN B 240 12.50 1.27 11.82
N VAL B 241 11.21 1.60 11.67
CA VAL B 241 10.80 2.56 10.66
C VAL B 241 10.94 3.97 11.20
N THR B 242 10.88 4.95 10.30
CA THR B 242 10.90 6.37 10.65
C THR B 242 9.58 7.07 10.38
N ILE B 243 9.39 8.25 10.97
CA ILE B 243 8.27 9.12 10.62
C ILE B 243 8.34 9.57 9.16
N GLU B 244 9.53 9.61 8.59
CA GLU B 244 9.61 9.95 7.16
C GLU B 244 9.00 8.83 6.30
N GLU B 245 9.30 7.56 6.64
CA GLU B 245 8.79 6.42 5.88
C GLU B 245 7.28 6.33 6.02
N VAL B 246 6.76 6.55 7.22
CA VAL B 246 5.33 6.62 7.41
C VAL B 246 4.77 7.79 6.58
N GLY B 247 5.43 8.95 6.67
CA GLY B 247 4.91 10.13 6.00
C GLY B 247 4.92 10.02 4.48
N ASN B 248 5.93 9.38 3.90
CA ASN B 248 5.95 9.21 2.46
C ASN B 248 4.81 8.29 2.02
N THR B 249 4.50 7.25 2.84
CA THR B 249 3.41 6.37 2.51
C THR B 249 2.09 7.12 2.60
N ALA B 250 1.90 7.97 3.63
CA ALA B 250 0.73 8.81 3.74
C ALA B 250 0.60 9.72 2.52
N ALA B 251 1.73 10.35 2.15
CA ALA B 251 1.71 11.22 0.97
C ALA B 251 1.15 10.51 -0.26
N PHE B 252 1.67 9.30 -0.50
CA PHE B 252 1.20 8.46 -1.61
C PHE B 252 -0.30 8.22 -1.49
N LEU B 253 -0.78 7.83 -0.27
CA LEU B 253 -2.18 7.51 -0.07
C LEU B 253 -3.10 8.72 -0.17
N LEU B 254 -2.56 9.93 -0.01
CA LEU B 254 -3.32 11.15 -0.15
C LEU B 254 -3.26 11.67 -1.59
N SER B 255 -2.42 11.07 -2.41
CA SER B 255 -2.21 11.55 -3.78
C SER B 255 -3.12 10.82 -4.75
N ASP B 256 -3.27 11.37 -5.97
CA ASP B 256 -4.01 10.68 -7.02
C ASP B 256 -3.28 9.45 -7.56
N LEU B 257 -1.99 9.26 -7.21
CA LEU B 257 -1.26 8.04 -7.55
C LEU B 257 -1.92 6.80 -6.95
N SER B 258 -2.62 6.98 -5.81
CA SER B 258 -3.25 5.86 -5.12
C SER B 258 -4.75 5.77 -5.36
N SER B 259 -5.22 6.33 -6.52
CA SER B 259 -6.64 6.44 -6.80
C SER B 259 -7.39 5.11 -6.90
N GLY B 260 -6.69 4.00 -7.14
CA GLY B 260 -7.31 2.68 -7.15
C GLY B 260 -7.38 1.97 -5.80
N ILE B 261 -6.94 2.66 -4.71
CA ILE B 261 -6.84 2.04 -3.38
C ILE B 261 -7.79 2.71 -2.39
N THR B 262 -8.66 1.91 -1.81
CA THR B 262 -9.51 2.40 -0.72
C THR B 262 -9.87 1.24 0.19
N GLY B 263 -10.08 1.59 1.49
CA GLY B 263 -10.40 0.59 2.50
C GLY B 263 -9.23 -0.30 2.91
N GLU B 264 -8.00 0.12 2.58
CA GLU B 264 -6.82 -0.71 2.73
C GLU B 264 -6.12 -0.32 4.03
N ILE B 265 -5.50 -1.32 4.70
CA ILE B 265 -4.55 -1.04 5.78
C ILE B 265 -3.16 -1.43 5.26
N THR B 266 -2.26 -0.46 5.11
CA THR B 266 -0.93 -0.73 4.60
C THR B 266 0.04 -0.78 5.79
N TYR B 267 0.86 -1.83 5.85
CA TYR B 267 1.82 -1.99 6.96
C TYR B 267 3.14 -1.31 6.59
N VAL B 268 3.52 -0.32 7.40
CA VAL B 268 4.79 0.37 7.25
C VAL B 268 5.59 0.05 8.53
N ASP B 269 6.01 -1.21 8.60
CA ASP B 269 6.67 -1.73 9.80
C ASP B 269 7.90 -2.56 9.42
N GLY B 270 8.46 -2.30 8.23
CA GLY B 270 9.60 -3.03 7.76
C GLY B 270 9.38 -4.52 7.63
N GLY B 271 8.13 -4.95 7.39
CA GLY B 271 7.81 -6.34 7.24
C GLY B 271 7.54 -7.09 8.56
N TYR B 272 7.55 -6.36 9.71
CA TYR B 272 7.47 -7.05 10.99
C TYR B 272 6.29 -8.02 11.07
N SER B 273 5.08 -7.57 10.71
CA SER B 273 3.86 -8.35 10.90
C SER B 273 3.86 -9.65 10.13
N ILE B 274 4.65 -9.76 9.05
CA ILE B 274 4.55 -10.92 8.18
C ILE B 274 5.60 -11.97 8.53
N ASN B 275 6.49 -11.74 9.54
CA ASN B 275 7.44 -12.74 10.02
C ASN B 275 6.96 -13.50 11.26
N ALA B 276 7.32 -14.80 11.43
CA ALA B 276 7.07 -15.60 12.62
C ALA B 276 8.25 -16.51 12.91
N LEU B 277 8.15 -17.17 14.09
CA LEU B 277 9.15 -18.11 14.57
C LEU B 277 10.52 -17.46 14.52
N SER B 278 10.61 -16.18 14.94
CA SER B 278 11.93 -15.56 14.93
C SER B 278 12.59 -15.81 16.30
#